data_9NZL
#
_entry.id   9NZL
#
_cell.length_a   91.824
_cell.length_b   91.824
_cell.length_c   118.714
_cell.angle_alpha   90.000
_cell.angle_beta   90.000
_cell.angle_gamma   120.000
#
_symmetry.space_group_name_H-M   'H 3'
#
loop_
_entity.id
_entity.type
_entity.pdbx_description
1 polymer 'non-specific serine/threonine protein kinase'
2 non-polymer 'CHLORIDE ION'
3 non-polymer (4M)-4-[3-(5-methylpyridin-2-yl)-1H-pyrazol-4-yl]quinoline
4 non-polymer 'SULFATE ION'
5 water water
#
_entity_poly.entity_id   1
_entity_poly.type   'polypeptide(L)'
_entity_poly.pdbx_seq_one_letter_code
;SSVVGLHYKIGKKIGEGSFGVIFEGTNIINGVPVAIKFEPRKTEAPQLRDEYRTYKHLQGCDGIPNAYYFGQEGLHNILV
IDLLGPSLEDLFDWCGRRFSVKTVVQVAIQMLTLVEEVHRHDLIYRDIKPDNFLIGRRGATDENNVHLIDFGMAKQYRDP
RTKQHIPYREKKSLSGTARYMSINTHLGREQSRRDDLEALGHVFFYFLRGQLPWQGLKAPTNKQKYEKIGDKKRTTPAVT
LCDGLPQQFAEYLDSVRSLPFDAEPPYEEYRMLLLSVLDDLGQACDGDMDWMHLNGGRGWDATINKKPN
;
_entity_poly.pdbx_strand_id   A
#
loop_
_chem_comp.id
_chem_comp.type
_chem_comp.name
_chem_comp.formula
A1B7R non-polymer (4M)-4-[3-(5-methylpyridin-2-yl)-1H-pyrazol-4-yl]quinoline 'C18 H14 N4'
CL non-polymer 'CHLORIDE ION' 'Cl -1'
SO4 non-polymer 'SULFATE ION' 'O4 S -2'
#
# COMPACT_ATOMS: atom_id res chain seq x y z
N SER A 1 -20.94 -13.00 23.00
CA SER A 1 -21.51 -11.66 22.85
C SER A 1 -21.14 -11.05 21.51
N SER A 2 -21.95 -10.10 21.05
CA SER A 2 -21.72 -9.45 19.77
C SER A 2 -20.83 -8.21 19.88
N VAL A 3 -20.40 -7.84 21.09
CA VAL A 3 -19.65 -6.60 21.32
C VAL A 3 -18.28 -6.94 21.86
N VAL A 4 -17.24 -6.37 21.24
CA VAL A 4 -15.86 -6.60 21.66
C VAL A 4 -15.26 -5.26 22.06
N GLY A 5 -14.25 -5.34 22.92
CA GLY A 5 -13.57 -4.15 23.41
C GLY A 5 -14.49 -3.12 24.02
N LEU A 6 -15.56 -3.58 24.67
CA LEU A 6 -16.55 -2.76 25.37
C LEU A 6 -17.48 -2.01 24.42
N HIS A 7 -16.95 -1.43 23.36
CA HIS A 7 -17.70 -0.44 22.60
C HIS A 7 -17.91 -0.79 21.13
N TYR A 8 -17.52 -1.97 20.66
CA TYR A 8 -17.53 -2.22 19.21
C TYR A 8 -18.36 -3.45 18.88
N LYS A 9 -19.50 -3.24 18.23
CA LYS A 9 -20.39 -4.33 17.86
C LYS A 9 -19.96 -4.96 16.54
N ILE A 10 -19.80 -6.28 16.54
CA ILE A 10 -19.33 -7.00 15.37
C ILE A 10 -20.39 -7.00 14.28
N GLY A 11 -19.97 -6.77 13.05
CA GLY A 11 -20.84 -6.85 11.90
C GLY A 11 -20.37 -7.90 10.90
N LYS A 12 -20.62 -7.66 9.62
CA LYS A 12 -20.34 -8.66 8.60
C LYS A 12 -18.83 -8.85 8.43
N LYS A 13 -18.46 -10.03 7.95
CA LYS A 13 -17.06 -10.30 7.60
C LYS A 13 -16.70 -9.60 6.30
N ILE A 14 -15.49 -9.04 6.23
CA ILE A 14 -15.08 -8.29 5.06
C ILE A 14 -13.70 -8.75 4.58
N GLY A 15 -13.33 -9.97 4.90
CA GLY A 15 -12.14 -10.58 4.33
C GLY A 15 -11.30 -11.30 5.35
N GLU A 16 -10.31 -12.03 4.83
CA GLU A 16 -9.34 -12.77 5.62
C GLU A 16 -8.24 -13.31 4.70
N GLY A 17 -7.17 -12.54 4.54
CA GLY A 17 -6.04 -12.94 3.73
C GLY A 17 -4.73 -12.74 4.46
N SER A 18 -4.65 -11.63 5.21
CA SER A 18 -3.55 -11.41 6.13
C SER A 18 -3.72 -12.29 7.37
N PHE A 19 -3.01 -11.98 8.45
CA PHE A 19 -3.07 -12.83 9.63
C PHE A 19 -4.37 -12.55 10.39
N GLY A 20 -5.41 -13.30 10.06
CA GLY A 20 -6.65 -13.29 10.79
C GLY A 20 -7.83 -12.80 9.97
N VAL A 21 -9.02 -12.95 10.55
CA VAL A 21 -10.28 -12.56 9.95
C VAL A 21 -10.57 -11.09 10.26
N ILE A 22 -11.18 -10.40 9.31
CA ILE A 22 -11.51 -8.99 9.43
C ILE A 22 -13.02 -8.83 9.29
N PHE A 23 -13.60 -8.02 10.15
CA PHE A 23 -15.03 -7.76 10.18
C PHE A 23 -15.29 -6.26 10.15
N GLU A 24 -16.44 -5.88 9.61
CA GLU A 24 -16.99 -4.57 9.89
C GLU A 24 -17.49 -4.51 11.32
N GLY A 25 -17.72 -3.30 11.80
CA GLY A 25 -18.28 -3.11 13.13
C GLY A 25 -18.71 -1.67 13.30
N THR A 26 -19.37 -1.41 14.43
CA THR A 26 -19.82 -0.07 14.77
C THR A 26 -19.51 0.22 16.22
N ASN A 27 -19.00 1.42 16.46
CA ASN A 27 -18.86 1.96 17.80
C ASN A 27 -20.26 2.19 18.38
N ILE A 28 -20.59 1.50 19.47
CA ILE A 28 -21.94 1.60 20.05
C ILE A 28 -22.12 2.83 20.93
N ILE A 29 -21.08 3.64 21.09
CA ILE A 29 -21.24 4.94 21.74
C ILE A 29 -21.64 6.02 20.74
N ASN A 30 -21.04 6.04 19.53
CA ASN A 30 -21.31 7.11 18.56
C ASN A 30 -21.74 6.64 17.16
N GLY A 31 -21.84 5.34 16.92
CA GLY A 31 -22.26 4.86 15.62
C GLY A 31 -21.20 4.86 14.54
N VAL A 32 -19.99 5.29 14.83
CA VAL A 32 -18.92 5.39 13.83
C VAL A 32 -18.49 3.98 13.42
N PRO A 33 -18.32 3.70 12.13
CA PRO A 33 -17.95 2.35 11.70
C PRO A 33 -16.47 2.07 11.93
N VAL A 34 -16.16 0.81 12.20
CA VAL A 34 -14.80 0.39 12.47
C VAL A 34 -14.51 -0.91 11.72
N ALA A 35 -13.22 -1.20 11.58
CA ALA A 35 -12.74 -2.48 11.08
C ALA A 35 -12.11 -3.22 12.26
N ILE A 36 -12.46 -4.49 12.42
CA ILE A 36 -12.04 -5.30 13.56
C ILE A 36 -11.29 -6.51 13.04
N LYS A 37 -10.05 -6.70 13.52
CA LYS A 37 -9.21 -7.82 13.11
C LYS A 37 -9.01 -8.77 14.29
N PHE A 38 -9.18 -10.06 14.04
CA PHE A 38 -9.04 -11.12 15.03
C PHE A 38 -7.81 -11.96 14.72
N GLU A 39 -6.94 -12.13 15.71
CA GLU A 39 -5.79 -13.01 15.57
C GLU A 39 -5.93 -14.16 16.57
N PRO A 40 -5.90 -15.42 16.14
CA PRO A 40 -5.90 -16.53 17.10
C PRO A 40 -4.77 -16.38 18.11
N ARG A 41 -5.13 -16.37 19.39
CA ARG A 41 -4.15 -16.11 20.45
C ARG A 41 -3.11 -17.22 20.55
N LYS A 42 -3.47 -18.45 20.19
CA LYS A 42 -2.54 -19.57 20.25
C LYS A 42 -1.77 -19.74 18.94
N THR A 43 -1.21 -18.64 18.44
CA THR A 43 -0.49 -18.65 17.18
C THR A 43 1.01 -18.57 17.43
N GLU A 44 1.78 -19.18 16.51
CA GLU A 44 3.23 -19.21 16.61
C GLU A 44 3.89 -17.98 15.98
N ALA A 45 3.15 -17.19 15.20
CA ALA A 45 3.65 -15.95 14.60
C ALA A 45 2.79 -14.80 15.12
N PRO A 46 2.99 -14.38 16.38
CA PRO A 46 2.19 -13.27 16.92
C PRO A 46 2.53 -11.97 16.20
N GLN A 47 1.49 -11.27 15.76
CA GLN A 47 1.66 -10.12 14.87
C GLN A 47 0.70 -8.97 15.16
N LEU A 48 -0.50 -9.24 15.67
CA LEU A 48 -1.50 -8.19 15.83
C LEU A 48 -1.05 -7.12 16.81
N ARG A 49 -0.42 -7.52 17.91
CA ARG A 49 0.01 -6.56 18.92
C ARG A 49 1.03 -5.58 18.34
N ASP A 50 2.00 -6.09 17.58
CA ASP A 50 2.98 -5.20 16.96
C ASP A 50 2.33 -4.27 15.96
N GLU A 51 1.23 -4.71 15.33
CA GLU A 51 0.54 -3.83 14.40
C GLU A 51 -0.18 -2.71 15.14
N TYR A 52 -0.81 -3.02 16.28
CA TYR A 52 -1.39 -1.97 17.10
C TYR A 52 -0.35 -0.93 17.47
N ARG A 53 0.84 -1.38 17.90
CA ARG A 53 1.89 -0.45 18.26
C ARG A 53 2.31 0.40 17.08
N THR A 54 2.37 -0.19 15.88
CA THR A 54 2.72 0.58 14.70
C THR A 54 1.68 1.64 14.40
N TYR A 55 0.39 1.27 14.46
CA TYR A 55 -0.67 2.26 14.27
C TYR A 55 -0.57 3.37 15.31
N LYS A 56 -0.35 3.01 16.56
CA LYS A 56 -0.24 4.02 17.61
C LYS A 56 0.98 4.92 17.37
N HIS A 57 2.07 4.33 16.88
CA HIS A 57 3.26 5.09 16.55
C HIS A 57 3.00 6.08 15.42
N LEU A 58 2.10 5.74 14.49
CA LEU A 58 1.79 6.58 13.34
C LEU A 58 0.55 7.43 13.58
N GLN A 59 -0.02 7.39 14.77
CA GLN A 59 -1.22 8.16 15.06
C GLN A 59 -1.02 9.63 14.71
N GLY A 60 -2.03 10.20 14.07
CA GLY A 60 -1.98 11.57 13.64
C GLY A 60 -1.53 11.78 12.21
N CYS A 61 -0.91 10.78 11.59
CA CYS A 61 -0.50 10.89 10.20
C CYS A 61 -1.72 10.89 9.30
N ASP A 62 -1.76 11.83 8.34
CA ASP A 62 -2.80 11.83 7.33
C ASP A 62 -2.77 10.51 6.55
N GLY A 63 -3.94 9.93 6.35
CA GLY A 63 -4.07 8.70 5.60
C GLY A 63 -3.80 7.43 6.37
N ILE A 64 -3.41 7.51 7.64
CA ILE A 64 -3.19 6.34 8.49
C ILE A 64 -4.37 6.27 9.46
N PRO A 65 -5.17 5.21 9.44
CA PRO A 65 -6.33 5.15 10.34
C PRO A 65 -5.90 5.12 11.80
N ASN A 66 -6.78 5.62 12.66
CA ASN A 66 -6.63 5.46 14.10
C ASN A 66 -6.85 4.00 14.50
N ALA A 67 -6.12 3.57 15.53
CA ALA A 67 -6.40 2.33 16.22
C ALA A 67 -7.08 2.69 17.54
N TYR A 68 -8.29 2.19 17.75
CA TYR A 68 -9.07 2.55 18.93
C TYR A 68 -8.95 1.56 20.08
N TYR A 69 -8.54 0.33 19.81
CA TYR A 69 -8.57 -0.69 20.83
C TYR A 69 -7.68 -1.86 20.45
N PHE A 70 -7.01 -2.43 21.45
CA PHE A 70 -6.34 -3.71 21.32
C PHE A 70 -6.53 -4.45 22.63
N GLY A 71 -6.92 -5.72 22.56
CA GLY A 71 -7.07 -6.51 23.77
C GLY A 71 -7.32 -7.96 23.43
N GLN A 72 -7.34 -8.78 24.47
CA GLN A 72 -7.56 -10.21 24.33
C GLN A 72 -8.98 -10.55 24.78
N GLU A 73 -9.67 -11.38 24.01
CA GLU A 73 -11.02 -11.80 24.35
C GLU A 73 -11.24 -13.21 23.83
N GLY A 74 -11.62 -14.12 24.72
CA GLY A 74 -11.68 -15.52 24.33
C GLY A 74 -10.33 -15.99 23.84
N LEU A 75 -10.33 -16.73 22.74
CA LEU A 75 -9.11 -17.26 22.17
C LEU A 75 -8.48 -16.34 21.14
N HIS A 76 -8.89 -15.06 21.10
CA HIS A 76 -8.43 -14.14 20.08
C HIS A 76 -7.85 -12.88 20.71
N ASN A 77 -6.86 -12.31 20.02
CA ASN A 77 -6.50 -10.91 20.20
C ASN A 77 -7.25 -10.09 19.15
N ILE A 78 -7.59 -8.86 19.52
CA ILE A 78 -8.49 -8.04 18.73
C ILE A 78 -7.89 -6.65 18.53
N LEU A 79 -7.95 -6.15 17.30
CA LEU A 79 -7.54 -4.79 16.98
C LEU A 79 -8.69 -4.11 16.25
N VAL A 80 -8.91 -2.84 16.58
CA VAL A 80 -10.01 -2.07 16.02
C VAL A 80 -9.43 -0.78 15.46
N ILE A 81 -9.72 -0.50 14.18
CA ILE A 81 -9.26 0.72 13.52
C ILE A 81 -10.44 1.32 12.75
N ASP A 82 -10.22 2.49 12.16
CA ASP A 82 -11.20 3.10 11.27
C ASP A 82 -11.55 2.15 10.12
N LEU A 83 -12.81 2.18 9.70
CA LEU A 83 -13.25 1.44 8.53
C LEU A 83 -13.06 2.30 7.29
N LEU A 84 -12.42 1.73 6.26
CA LEU A 84 -12.11 2.48 5.06
C LEU A 84 -12.88 1.93 3.85
N GLY A 85 -12.55 2.43 2.66
CA GLY A 85 -13.23 2.05 1.45
C GLY A 85 -12.46 1.05 0.61
N PRO A 86 -12.81 0.94 -0.68
CA PRO A 86 -12.13 -0.01 -1.56
C PRO A 86 -10.65 0.30 -1.72
N SER A 87 -9.89 -0.73 -2.10
CA SER A 87 -8.47 -0.57 -2.36
C SER A 87 -8.24 -0.01 -3.75
N LEU A 88 -7.02 0.49 -3.99
CA LEU A 88 -6.69 0.97 -5.33
C LEU A 88 -6.72 -0.18 -6.34
N GLU A 89 -6.43 -1.41 -5.92
CA GLU A 89 -6.57 -2.53 -6.85
C GLU A 89 -8.02 -2.72 -7.26
N ASP A 90 -8.95 -2.65 -6.29
CA ASP A 90 -10.37 -2.71 -6.60
C ASP A 90 -10.76 -1.63 -7.60
N LEU A 91 -10.38 -0.38 -7.32
CA LEU A 91 -10.80 0.73 -8.16
C LEU A 91 -10.19 0.65 -9.54
N PHE A 92 -8.92 0.25 -9.60
CA PHE A 92 -8.24 -0.03 -10.88
C PHE A 92 -9.03 -1.04 -11.70
N ASP A 93 -9.46 -2.12 -11.05
CA ASP A 93 -10.23 -3.14 -11.75
C ASP A 93 -11.54 -2.56 -12.29
N TRP A 94 -12.24 -1.79 -11.45
CA TRP A 94 -13.55 -1.26 -11.86
C TRP A 94 -13.41 -0.20 -12.95
N CYS A 95 -12.27 0.45 -13.03
CA CYS A 95 -11.98 1.40 -14.09
C CYS A 95 -11.40 0.72 -15.34
N GLY A 96 -11.52 -0.60 -15.45
CA GLY A 96 -11.08 -1.30 -16.64
C GLY A 96 -9.60 -1.63 -16.65
N ARG A 97 -8.95 -1.66 -15.48
CA ARG A 97 -7.54 -2.02 -15.34
C ARG A 97 -6.63 -1.05 -16.11
N ARG A 98 -6.93 0.23 -15.97
CA ARG A 98 -6.07 1.31 -16.43
C ARG A 98 -6.50 2.57 -15.70
N PHE A 99 -5.54 3.33 -15.20
CA PHE A 99 -5.79 4.66 -14.66
C PHE A 99 -5.24 5.71 -15.62
N SER A 100 -5.93 6.84 -15.71
CA SER A 100 -5.46 7.96 -16.52
C SER A 100 -4.16 8.48 -15.94
N VAL A 101 -3.38 9.15 -16.79
CA VAL A 101 -2.14 9.77 -16.32
C VAL A 101 -2.39 10.67 -15.12
N LYS A 102 -3.45 11.48 -15.19
CA LYS A 102 -3.76 12.40 -14.10
C LYS A 102 -4.05 11.66 -12.79
N THR A 103 -4.87 10.59 -12.86
CA THR A 103 -5.16 9.85 -11.64
C THR A 103 -3.91 9.18 -11.08
N VAL A 104 -3.04 8.65 -11.96
CA VAL A 104 -1.80 8.05 -11.49
C VAL A 104 -0.91 9.08 -10.80
N VAL A 105 -0.75 10.26 -11.39
CA VAL A 105 0.06 11.29 -10.72
C VAL A 105 -0.53 11.63 -9.36
N GLN A 106 -1.84 11.79 -9.30
CA GLN A 106 -2.47 12.23 -8.06
C GLN A 106 -2.37 11.18 -6.96
N VAL A 107 -2.61 9.90 -7.28
CA VAL A 107 -2.45 8.90 -6.23
C VAL A 107 -0.97 8.72 -5.91
N ALA A 108 -0.09 8.93 -6.90
CA ALA A 108 1.34 8.71 -6.66
C ALA A 108 1.89 9.66 -5.62
N ILE A 109 1.52 10.95 -5.68
CA ILE A 109 2.10 11.87 -4.72
C ILE A 109 1.52 11.62 -3.33
N GLN A 110 0.26 11.16 -3.26
CA GLN A 110 -0.28 10.77 -1.96
C GLN A 110 0.41 9.52 -1.44
N MET A 111 0.70 8.55 -2.30
CA MET A 111 1.37 7.35 -1.86
C MET A 111 2.81 7.65 -1.45
N LEU A 112 3.48 8.54 -2.19
CA LEU A 112 4.82 8.99 -1.78
C LEU A 112 4.79 9.65 -0.41
N THR A 113 3.77 10.47 -0.15
CA THR A 113 3.67 11.15 1.14
C THR A 113 3.41 10.15 2.27
N LEU A 114 2.51 9.19 2.03
CA LEU A 114 2.24 8.14 3.02
C LEU A 114 3.51 7.39 3.38
N VAL A 115 4.22 6.90 2.36
CA VAL A 115 5.45 6.14 2.61
C VAL A 115 6.49 7.03 3.27
N GLU A 116 6.54 8.31 2.90
CA GLU A 116 7.47 9.22 3.57
C GLU A 116 7.20 9.29 5.07
N GLU A 117 5.92 9.39 5.44
CA GLU A 117 5.58 9.44 6.87
C GLU A 117 5.96 8.15 7.58
N VAL A 118 5.71 6.99 6.94
CA VAL A 118 6.18 5.73 7.50
C VAL A 118 7.68 5.82 7.76
N HIS A 119 8.44 6.24 6.75
CA HIS A 119 9.90 6.33 6.89
C HIS A 119 10.31 7.30 7.99
N ARG A 120 9.67 8.47 8.05
CA ARG A 120 10.01 9.44 9.08
C ARG A 120 9.78 8.89 10.48
N HIS A 121 8.92 7.88 10.62
CA HIS A 121 8.72 7.20 11.89
C HIS A 121 9.59 5.95 12.04
N ASP A 122 10.74 5.91 11.35
CA ASP A 122 11.81 4.93 11.52
C ASP A 122 11.45 3.54 10.99
N LEU A 123 10.41 3.42 10.15
CA LEU A 123 9.94 2.13 9.64
C LEU A 123 10.07 2.07 8.12
N ILE A 124 10.32 0.87 7.61
CA ILE A 124 10.10 0.58 6.20
C ILE A 124 8.90 -0.36 6.11
N TYR A 125 8.20 -0.26 4.98
CA TYR A 125 6.88 -0.89 4.83
C TYR A 125 6.99 -2.32 4.30
N ARG A 126 7.76 -2.53 3.24
CA ARG A 126 8.21 -3.83 2.72
C ARG A 126 7.12 -4.67 2.08
N ASP A 127 5.89 -4.16 1.93
CA ASP A 127 4.83 -4.95 1.31
C ASP A 127 3.99 -4.05 0.39
N ILE A 128 4.64 -3.11 -0.30
CA ILE A 128 3.93 -2.19 -1.20
C ILE A 128 3.17 -2.98 -2.26
N LYS A 129 1.88 -2.66 -2.41
CA LYS A 129 1.00 -3.24 -3.41
C LYS A 129 -0.26 -2.38 -3.45
N PRO A 130 -0.95 -2.27 -4.60
CA PRO A 130 -2.15 -1.43 -4.64
C PRO A 130 -3.26 -1.93 -3.73
N ASP A 131 -3.25 -3.21 -3.38
CA ASP A 131 -4.27 -3.77 -2.50
C ASP A 131 -4.25 -3.19 -1.10
N ASN A 132 -3.12 -2.63 -0.65
CA ASN A 132 -3.03 -2.12 0.71
C ASN A 132 -3.22 -0.63 0.82
N PHE A 133 -3.47 0.06 -0.30
CA PHE A 133 -3.81 1.48 -0.30
C PHE A 133 -5.32 1.58 -0.53
N LEU A 134 -6.05 2.17 0.42
CA LEU A 134 -7.50 2.19 0.38
C LEU A 134 -8.00 3.62 0.34
N ILE A 135 -9.16 3.85 -0.30
CA ILE A 135 -9.75 5.18 -0.23
C ILE A 135 -10.65 5.22 1.00
N GLY A 136 -11.41 6.30 1.16
CA GLY A 136 -12.30 6.47 2.29
C GLY A 136 -13.71 5.97 1.98
N ARG A 137 -14.62 6.31 2.89
CA ARG A 137 -15.99 5.88 2.72
C ARG A 137 -16.82 6.96 2.03
N ARG A 138 -17.93 6.53 1.43
CA ARG A 138 -18.77 7.44 0.65
C ARG A 138 -19.32 8.53 1.54
N GLY A 139 -19.17 9.78 1.10
CA GLY A 139 -19.63 10.92 1.85
C GLY A 139 -18.67 11.45 2.90
N ALA A 140 -17.59 10.74 3.21
CA ALA A 140 -16.67 11.24 4.23
C ALA A 140 -15.75 12.32 3.66
N THR A 141 -15.13 13.07 4.57
CA THR A 141 -14.22 14.14 4.14
C THR A 141 -12.99 13.57 3.44
N ASP A 142 -12.59 12.34 3.76
CA ASP A 142 -11.47 11.70 3.10
C ASP A 142 -11.92 10.62 2.12
N GLU A 143 -13.12 10.79 1.54
CA GLU A 143 -13.70 9.77 0.67
C GLU A 143 -12.72 9.30 -0.41
N ASN A 144 -12.07 10.24 -1.08
CA ASN A 144 -11.24 9.88 -2.23
C ASN A 144 -9.76 10.08 -1.97
N ASN A 145 -9.37 10.29 -0.71
CA ASN A 145 -7.96 10.29 -0.35
C ASN A 145 -7.43 8.86 -0.21
N VAL A 146 -6.13 8.71 -0.41
CA VAL A 146 -5.46 7.43 -0.33
C VAL A 146 -5.03 7.21 1.11
N HIS A 147 -5.24 5.99 1.61
CA HIS A 147 -4.84 5.57 2.95
C HIS A 147 -3.94 4.34 2.86
N LEU A 148 -3.21 4.08 3.93
CA LEU A 148 -2.31 2.93 3.96
C LEU A 148 -2.63 2.06 5.17
N ILE A 149 -2.87 0.77 4.94
CA ILE A 149 -3.10 -0.20 6.00
C ILE A 149 -2.18 -1.40 5.80
N ASP A 150 -2.23 -2.31 6.78
CA ASP A 150 -1.52 -3.60 6.81
C ASP A 150 -0.03 -3.40 7.05
N PHE A 151 0.38 -3.35 8.31
CA PHE A 151 1.78 -3.11 8.66
C PHE A 151 2.46 -4.37 9.18
N GLY A 152 1.94 -5.55 8.82
CA GLY A 152 2.51 -6.80 9.30
C GLY A 152 3.93 -7.05 8.83
N MET A 153 4.33 -6.46 7.70
CA MET A 153 5.68 -6.61 7.17
C MET A 153 6.62 -5.48 7.54
N ALA A 154 6.11 -4.43 8.18
CA ALA A 154 6.92 -3.26 8.51
C ALA A 154 8.04 -3.66 9.49
N LYS A 155 9.13 -2.90 9.44
CA LYS A 155 10.32 -3.17 10.23
C LYS A 155 11.05 -1.85 10.47
N GLN A 156 11.63 -1.71 11.66
CA GLN A 156 12.46 -0.55 11.94
C GLN A 156 13.72 -0.59 11.07
N TYR A 157 14.05 0.53 10.40
CA TYR A 157 15.25 0.58 9.59
C TYR A 157 16.35 1.45 10.19
N ARG A 158 16.08 2.15 11.29
CA ARG A 158 17.06 3.01 11.94
C ARG A 158 16.69 3.15 13.40
N ASP A 159 17.70 3.33 14.25
CA ASP A 159 17.41 3.56 15.66
C ASP A 159 16.64 4.87 15.81
N PRO A 160 15.55 4.90 16.59
CA PRO A 160 14.76 6.14 16.68
C PRO A 160 15.50 7.30 17.31
N ARG A 161 16.37 7.04 18.29
CA ARG A 161 17.10 8.11 18.98
C ARG A 161 18.23 8.64 18.12
N THR A 162 19.14 7.76 17.69
CA THR A 162 20.37 8.15 17.01
C THR A 162 20.23 8.23 15.50
N LYS A 163 19.15 7.68 14.94
CA LYS A 163 18.92 7.59 13.49
C LYS A 163 19.98 6.75 12.79
N GLN A 164 20.69 5.88 13.52
CA GLN A 164 21.66 4.99 12.91
C GLN A 164 20.95 3.92 12.07
N HIS A 165 21.28 3.87 10.78
CA HIS A 165 20.66 2.94 9.84
C HIS A 165 21.07 1.50 10.14
N ILE A 166 20.16 0.57 9.86
CA ILE A 166 20.48 -0.85 10.02
C ILE A 166 21.58 -1.21 9.03
N PRO A 167 22.41 -2.21 9.32
CA PRO A 167 23.48 -2.60 8.39
C PRO A 167 22.94 -3.28 7.15
N TYR A 168 23.66 -3.10 6.05
CA TYR A 168 23.37 -3.89 4.86
C TYR A 168 23.66 -5.37 5.13
N ARG A 169 22.81 -6.24 4.61
CA ARG A 169 23.07 -7.67 4.69
C ARG A 169 22.38 -8.35 3.51
N GLU A 170 22.73 -9.62 3.30
CA GLU A 170 22.12 -10.39 2.23
C GLU A 170 21.56 -11.69 2.80
N LYS A 171 21.18 -12.62 1.91
CA LYS A 171 20.59 -13.91 2.29
C LYS A 171 19.32 -13.72 3.12
N LYS A 172 18.53 -12.71 2.76
CA LYS A 172 17.22 -12.53 3.35
C LYS A 172 16.19 -13.39 2.63
N SER A 173 15.13 -13.73 3.34
CA SER A 173 14.04 -14.48 2.73
C SER A 173 13.34 -13.61 1.70
N LEU A 174 12.78 -14.27 0.68
CA LEU A 174 12.04 -13.56 -0.37
C LEU A 174 10.56 -13.45 0.00
N SER A 175 10.31 -12.73 1.08
CA SER A 175 8.96 -12.42 1.51
C SER A 175 8.51 -11.12 0.87
N GLY A 176 7.32 -11.11 0.30
CA GLY A 176 6.76 -9.95 -0.36
C GLY A 176 5.94 -10.36 -1.57
N THR A 177 5.53 -9.38 -2.35
CA THR A 177 4.70 -9.60 -3.54
C THR A 177 5.56 -9.43 -4.79
N ALA A 178 5.75 -10.53 -5.52
CA ALA A 178 6.72 -10.57 -6.62
C ALA A 178 6.38 -9.57 -7.73
N ARG A 179 5.09 -9.28 -7.95
CA ARG A 179 4.77 -8.37 -9.04
C ARG A 179 5.35 -6.98 -8.81
N TYR A 180 5.44 -6.52 -7.56
CA TYR A 180 5.82 -5.15 -7.27
C TYR A 180 7.17 -4.98 -6.57
N MET A 181 7.68 -6.03 -5.93
CA MET A 181 8.85 -5.88 -5.07
C MET A 181 10.07 -5.41 -5.85
N SER A 182 10.99 -4.77 -5.13
CA SER A 182 12.18 -4.22 -5.73
C SER A 182 13.12 -5.34 -6.20
N ILE A 183 14.02 -4.98 -7.11
CA ILE A 183 15.05 -5.91 -7.55
C ILE A 183 15.88 -6.40 -6.36
N ASN A 184 16.22 -5.49 -5.43
CA ASN A 184 17.00 -5.89 -4.26
C ASN A 184 16.31 -7.00 -3.48
N THR A 185 14.96 -6.94 -3.39
CA THR A 185 14.23 -7.97 -2.67
C THR A 185 14.37 -9.32 -3.36
N HIS A 186 14.32 -9.35 -4.69
CA HIS A 186 14.52 -10.60 -5.43
C HIS A 186 15.89 -11.22 -5.13
N LEU A 187 16.88 -10.39 -4.88
CA LEU A 187 18.26 -10.85 -4.70
C LEU A 187 18.58 -11.18 -3.24
N GLY A 188 17.58 -11.21 -2.37
CA GLY A 188 17.82 -11.52 -0.98
C GLY A 188 18.52 -10.44 -0.19
N ARG A 189 18.47 -9.20 -0.67
CA ARG A 189 19.15 -8.12 0.02
C ARG A 189 18.24 -7.48 1.06
N GLU A 190 18.84 -7.06 2.17
CA GLU A 190 18.12 -6.28 3.17
C GLU A 190 17.47 -5.07 2.53
N GLN A 191 16.19 -4.85 2.83
CA GLN A 191 15.46 -3.72 2.26
C GLN A 191 15.70 -2.46 3.08
N SER A 192 15.55 -1.32 2.41
CA SER A 192 15.70 -0.02 3.04
C SER A 192 14.66 0.90 2.40
N ARG A 193 14.79 2.21 2.65
CA ARG A 193 13.78 3.15 2.17
C ARG A 193 13.64 3.07 0.65
N ARG A 194 14.77 2.91 -0.06
CA ARG A 194 14.73 2.91 -1.52
C ARG A 194 13.83 1.81 -2.07
N ASP A 195 13.72 0.69 -1.34
CA ASP A 195 12.96 -0.45 -1.85
C ASP A 195 11.47 -0.20 -1.81
N ASP A 196 10.98 0.46 -0.76
CA ASP A 196 9.58 0.90 -0.76
C ASP A 196 9.29 1.79 -1.97
N LEU A 197 10.20 2.72 -2.27
CA LEU A 197 9.94 3.66 -3.35
C LEU A 197 10.07 3.00 -4.72
N GLU A 198 10.96 2.01 -4.87
CA GLU A 198 11.02 1.28 -6.13
C GLU A 198 9.74 0.47 -6.35
N ALA A 199 9.23 -0.17 -5.30
CA ALA A 199 7.96 -0.88 -5.44
C ALA A 199 6.86 0.09 -5.87
N LEU A 200 6.86 1.31 -5.32
CA LEU A 200 5.89 2.31 -5.76
C LEU A 200 6.02 2.58 -7.26
N GLY A 201 7.26 2.69 -7.75
CA GLY A 201 7.46 2.93 -9.17
C GLY A 201 6.89 1.80 -10.02
N HIS A 202 7.04 0.56 -9.57
CA HIS A 202 6.42 -0.56 -10.27
C HIS A 202 4.90 -0.42 -10.29
N VAL A 203 4.32 -0.07 -9.14
CA VAL A 203 2.86 0.13 -9.08
C VAL A 203 2.42 1.24 -10.03
N PHE A 204 3.17 2.34 -10.07
CA PHE A 204 2.82 3.43 -11.00
C PHE A 204 2.76 2.93 -12.44
N PHE A 205 3.77 2.17 -12.88
CA PHE A 205 3.74 1.65 -14.24
C PHE A 205 2.61 0.64 -14.44
N TYR A 206 2.32 -0.15 -13.41
CA TYR A 206 1.18 -1.06 -13.46
C TYR A 206 -0.13 -0.31 -13.71
N PHE A 207 -0.37 0.76 -12.96
CA PHE A 207 -1.58 1.55 -13.16
C PHE A 207 -1.63 2.15 -14.57
N LEU A 208 -0.49 2.65 -15.05
CA LEU A 208 -0.46 3.37 -16.33
C LEU A 208 -0.63 2.43 -17.51
N ARG A 209 0.02 1.28 -17.47
CA ARG A 209 0.03 0.33 -18.58
C ARG A 209 -1.14 -0.63 -18.55
N GLY A 210 -1.62 -0.98 -17.36
CA GLY A 210 -2.59 -2.04 -17.20
C GLY A 210 -1.97 -3.36 -16.84
N GLN A 211 -0.65 -3.49 -16.97
CA GLN A 211 0.08 -4.71 -16.66
C GLN A 211 1.57 -4.38 -16.64
N LEU A 212 2.33 -5.25 -16.02
CA LEU A 212 3.77 -5.18 -16.09
C LEU A 212 4.30 -6.34 -16.92
N PRO A 213 5.41 -6.16 -17.64
CA PRO A 213 5.86 -7.23 -18.56
C PRO A 213 6.38 -8.48 -17.86
N TRP A 214 6.51 -8.47 -16.54
CA TRP A 214 6.86 -9.67 -15.80
C TRP A 214 5.65 -10.36 -15.18
N GLN A 215 4.44 -9.99 -15.60
CA GLN A 215 3.25 -10.76 -15.29
C GLN A 215 3.08 -11.87 -16.32
N GLY A 216 2.44 -12.96 -15.91
CA GLY A 216 2.17 -14.07 -16.80
C GLY A 216 3.34 -14.99 -17.06
N LEU A 217 4.43 -14.87 -16.31
CA LEU A 217 5.56 -15.76 -16.50
C LEU A 217 5.29 -17.12 -15.85
N LYS A 218 5.87 -18.17 -16.42
CA LYS A 218 5.63 -19.54 -16.00
C LYS A 218 6.93 -20.17 -15.50
N ALA A 219 6.81 -21.00 -14.47
CA ALA A 219 7.95 -21.77 -13.97
C ALA A 219 7.40 -22.90 -13.10
N PRO A 220 8.15 -23.98 -12.95
CA PRO A 220 7.62 -25.13 -12.18
C PRO A 220 7.41 -24.83 -10.70
N THR A 221 8.15 -23.89 -10.13
CA THR A 221 8.05 -23.61 -8.71
C THR A 221 7.93 -22.12 -8.49
N ASN A 222 7.31 -21.75 -7.37
CA ASN A 222 7.22 -20.34 -7.01
C ASN A 222 8.60 -19.70 -6.94
N LYS A 223 9.58 -20.44 -6.43
CA LYS A 223 10.94 -19.91 -6.34
C LYS A 223 11.48 -19.56 -7.73
N GLN A 224 11.34 -20.48 -8.69
CA GLN A 224 11.83 -20.19 -10.04
C GLN A 224 11.02 -19.10 -10.71
N LYS A 225 9.72 -19.00 -10.42
CA LYS A 225 8.92 -17.93 -11.00
C LYS A 225 9.37 -16.57 -10.48
N TYR A 226 9.58 -16.46 -9.16
CA TYR A 226 10.11 -15.21 -8.59
C TYR A 226 11.42 -14.83 -9.27
N GLU A 227 12.29 -15.81 -9.51
CA GLU A 227 13.57 -15.52 -10.13
C GLU A 227 13.38 -14.99 -11.55
N LYS A 228 12.50 -15.61 -12.34
CA LYS A 228 12.26 -15.11 -13.69
C LYS A 228 11.71 -13.70 -13.66
N ILE A 229 10.84 -13.40 -12.70
CA ILE A 229 10.30 -12.05 -12.57
C ILE A 229 11.43 -11.06 -12.27
N GLY A 230 12.30 -11.40 -11.32
CA GLY A 230 13.43 -10.55 -11.02
C GLY A 230 14.36 -10.36 -12.22
N ASP A 231 14.60 -11.45 -12.96
CA ASP A 231 15.37 -11.36 -14.20
C ASP A 231 14.74 -10.37 -15.18
N LYS A 232 13.43 -10.45 -15.35
CA LYS A 232 12.76 -9.54 -16.27
C LYS A 232 12.88 -8.10 -15.80
N LYS A 233 12.76 -7.87 -14.49
CA LYS A 233 12.94 -6.52 -13.97
C LYS A 233 14.32 -5.99 -14.27
N ARG A 234 15.35 -6.82 -14.12
CA ARG A 234 16.71 -6.34 -14.33
C ARG A 234 17.03 -6.10 -15.80
N THR A 235 16.30 -6.72 -16.72
CA THR A 235 16.61 -6.58 -18.14
C THR A 235 15.60 -5.71 -18.90
N THR A 236 14.68 -5.06 -18.20
CA THR A 236 13.73 -4.18 -18.88
C THR A 236 14.04 -2.74 -18.52
N PRO A 237 14.61 -1.95 -19.43
CA PRO A 237 14.93 -0.55 -19.09
C PRO A 237 13.67 0.23 -18.76
N ALA A 238 13.82 1.20 -17.87
CA ALA A 238 12.66 1.98 -17.45
C ALA A 238 12.04 2.72 -18.63
N VAL A 239 12.85 3.16 -19.60
CA VAL A 239 12.28 3.85 -20.76
C VAL A 239 11.41 2.90 -21.59
N THR A 240 11.66 1.59 -21.51
CA THR A 240 10.81 0.61 -22.20
C THR A 240 9.49 0.42 -21.49
N LEU A 241 9.52 0.26 -20.16
CA LEU A 241 8.28 0.31 -19.38
C LEU A 241 7.48 1.55 -19.70
N CYS A 242 8.16 2.66 -19.98
CA CYS A 242 7.56 3.98 -20.12
C CYS A 242 7.23 4.33 -21.57
N ASP A 243 7.25 3.35 -22.47
CA ASP A 243 7.00 3.63 -23.88
C ASP A 243 5.62 4.25 -24.06
N GLY A 244 5.57 5.43 -24.65
CA GLY A 244 4.31 6.12 -24.86
C GLY A 244 3.72 6.79 -23.64
N LEU A 245 4.46 6.83 -22.53
CA LEU A 245 4.02 7.39 -21.27
C LEU A 245 4.92 8.56 -20.89
N PRO A 246 4.49 9.44 -19.99
CA PRO A 246 5.37 10.56 -19.59
C PRO A 246 6.67 10.04 -18.99
N GLN A 247 7.80 10.52 -19.53
CA GLN A 247 9.09 9.97 -19.14
C GLN A 247 9.46 10.25 -17.69
N GLN A 248 8.77 11.19 -17.03
CA GLN A 248 9.01 11.41 -15.60
C GLN A 248 8.87 10.13 -14.79
N PHE A 249 8.02 9.20 -15.24
CA PHE A 249 7.85 7.94 -14.53
C PHE A 249 9.06 7.03 -14.69
N ALA A 250 9.73 7.07 -15.86
CA ALA A 250 10.99 6.36 -16.03
C ALA A 250 12.07 7.01 -15.17
N GLU A 251 12.14 8.33 -15.18
CA GLU A 251 13.15 9.04 -14.40
C GLU A 251 13.01 8.71 -12.92
N TYR A 252 11.78 8.66 -12.44
CA TYR A 252 11.51 8.29 -11.05
C TYR A 252 12.04 6.89 -10.74
N LEU A 253 11.66 5.90 -11.56
CA LEU A 253 12.07 4.52 -11.32
C LEU A 253 13.59 4.38 -11.33
N ASP A 254 14.24 4.92 -12.36
CA ASP A 254 15.70 4.87 -12.40
C ASP A 254 16.31 5.56 -11.18
N SER A 255 15.75 6.71 -10.79
CA SER A 255 16.30 7.43 -9.66
C SER A 255 16.25 6.58 -8.39
N VAL A 256 15.08 6.05 -8.04
CA VAL A 256 14.99 5.33 -6.76
C VAL A 256 15.74 4.00 -6.82
N ARG A 257 15.91 3.43 -8.00
CA ARG A 257 16.74 2.24 -8.10
C ARG A 257 18.21 2.54 -7.87
N SER A 258 18.64 3.78 -8.10
CA SER A 258 20.02 4.22 -7.95
C SER A 258 20.34 4.70 -6.53
N LEU A 259 19.35 4.82 -5.67
CA LEU A 259 19.59 5.31 -4.32
C LEU A 259 20.58 4.41 -3.59
N PRO A 260 21.56 4.98 -2.90
CA PRO A 260 22.38 4.18 -1.97
C PRO A 260 21.51 3.53 -0.90
N PHE A 261 22.00 2.41 -0.35
CA PHE A 261 21.24 1.63 0.62
C PHE A 261 20.74 2.47 1.79
N ASP A 262 21.60 3.30 2.39
CA ASP A 262 21.19 4.05 3.57
C ASP A 262 20.74 5.47 3.26
N ALA A 263 20.57 5.82 1.99
CA ALA A 263 20.35 7.21 1.62
C ALA A 263 18.93 7.67 1.96
N GLU A 264 18.81 8.94 2.32
CA GLU A 264 17.49 9.53 2.52
C GLU A 264 16.90 9.95 1.19
N PRO A 265 15.75 9.42 0.78
CA PRO A 265 15.22 9.77 -0.54
C PRO A 265 14.75 11.21 -0.55
N PRO A 266 14.90 11.92 -1.68
CA PRO A 266 14.34 13.28 -1.83
C PRO A 266 12.86 13.22 -2.22
N TYR A 267 12.01 12.95 -1.21
CA TYR A 267 10.59 12.70 -1.48
C TYR A 267 9.95 13.86 -2.21
N GLU A 268 10.24 15.10 -1.79
CA GLU A 268 9.56 16.24 -2.40
C GLU A 268 10.00 16.43 -3.86
N GLU A 269 11.28 16.15 -4.15
CA GLU A 269 11.74 16.17 -5.54
C GLU A 269 10.95 15.18 -6.39
N TYR A 270 10.75 13.97 -5.87
CA TYR A 270 9.96 12.98 -6.60
C TYR A 270 8.54 13.47 -6.84
N ARG A 271 7.92 14.07 -5.82
CA ARG A 271 6.55 14.57 -6.00
C ARG A 271 6.51 15.70 -7.02
N MET A 272 7.47 16.61 -6.97
CA MET A 272 7.51 17.69 -7.96
C MET A 272 7.77 17.14 -9.35
N LEU A 273 8.62 16.12 -9.44
CA LEU A 273 8.89 15.46 -10.73
C LEU A 273 7.61 14.90 -11.33
N LEU A 274 6.82 14.18 -10.54
CA LEU A 274 5.58 13.63 -11.09
C LEU A 274 4.54 14.73 -11.34
N LEU A 275 4.51 15.75 -10.49
CA LEU A 275 3.57 16.86 -10.73
C LEU A 275 3.89 17.58 -12.03
N SER A 276 5.17 17.64 -12.43
CA SER A 276 5.49 18.28 -13.70
C SER A 276 4.86 17.55 -14.88
N VAL A 277 4.50 16.26 -14.73
CA VAL A 277 3.75 15.57 -15.79
C VAL A 277 2.47 16.33 -16.10
N LEU A 278 1.76 16.77 -15.06
CA LEU A 278 0.49 17.47 -15.30
C LEU A 278 0.73 18.81 -15.98
N ASP A 279 1.81 19.50 -15.64
CA ASP A 279 2.14 20.74 -16.34
C ASP A 279 2.35 20.48 -17.82
N ASP A 280 3.17 19.48 -18.16
CA ASP A 280 3.40 19.09 -19.55
C ASP A 280 2.09 18.87 -20.30
N LEU A 281 1.16 18.15 -19.67
CA LEU A 281 -0.09 17.75 -20.31
C LEU A 281 -1.21 18.76 -20.17
N GLY A 282 -0.95 19.91 -19.53
CA GLY A 282 -1.97 20.92 -19.40
C GLY A 282 -3.12 20.55 -18.49
N GLN A 283 -2.85 19.74 -17.45
CA GLN A 283 -3.86 19.28 -16.51
C GLN A 283 -3.64 19.92 -15.15
N ALA A 284 -4.68 19.87 -14.32
CA ALA A 284 -4.64 20.42 -12.98
C ALA A 284 -4.66 19.31 -11.94
N CYS A 285 -3.99 19.55 -10.81
CA CYS A 285 -4.00 18.61 -9.70
C CYS A 285 -5.17 18.99 -8.78
N ASP A 286 -6.37 18.61 -9.20
CA ASP A 286 -7.59 19.11 -8.57
C ASP A 286 -8.39 18.04 -7.84
N GLY A 287 -7.82 16.85 -7.65
CA GLY A 287 -8.48 15.79 -6.91
C GLY A 287 -9.46 14.94 -7.70
N ASP A 288 -9.77 15.30 -8.96
CA ASP A 288 -10.69 14.48 -9.74
C ASP A 288 -10.02 13.16 -10.11
N MET A 289 -10.62 12.06 -9.68
CA MET A 289 -10.04 10.73 -9.89
C MET A 289 -10.94 9.90 -10.79
N ASP A 290 -10.31 8.97 -11.54
CA ASP A 290 -11.05 8.18 -12.53
C ASP A 290 -12.29 7.54 -11.92
N TRP A 291 -12.15 6.95 -10.74
CA TRP A 291 -13.23 6.15 -10.17
C TRP A 291 -14.41 7.00 -9.75
N MET A 292 -14.23 8.33 -9.67
CA MET A 292 -15.35 9.20 -9.31
C MET A 292 -16.36 9.31 -10.43
N HIS A 293 -16.04 8.84 -11.64
CA HIS A 293 -16.96 8.87 -12.77
C HIS A 293 -17.68 7.55 -12.99
N LEU A 294 -17.38 6.53 -12.21
CA LEU A 294 -18.04 5.24 -12.36
C LEU A 294 -19.55 5.41 -12.20
N ASN A 295 -20.29 4.55 -12.92
CA ASN A 295 -21.74 4.42 -12.75
C ASN A 295 -22.45 5.75 -12.91
N GLY A 296 -22.15 6.42 -14.03
CA GLY A 296 -22.84 7.64 -14.39
C GLY A 296 -22.48 8.86 -13.55
N GLY A 297 -21.37 8.82 -12.85
CA GLY A 297 -21.01 9.86 -11.91
C GLY A 297 -21.33 9.53 -10.46
N ARG A 298 -22.06 8.45 -10.21
CA ARG A 298 -22.40 8.05 -8.85
C ARG A 298 -21.20 7.55 -8.05
N GLY A 299 -20.13 7.07 -8.71
CA GLY A 299 -19.04 6.40 -8.02
C GLY A 299 -19.21 4.89 -7.97
N TRP A 300 -18.27 4.20 -7.33
CA TRP A 300 -18.30 2.74 -7.33
C TRP A 300 -19.56 2.22 -6.64
N ASP A 301 -20.05 1.09 -7.12
CA ASP A 301 -21.32 0.53 -6.66
C ASP A 301 -21.12 -0.90 -6.16
N ALA A 302 -21.77 -1.22 -5.04
CA ALA A 302 -21.50 -2.47 -4.35
C ALA A 302 -21.95 -3.70 -5.14
N THR A 303 -23.04 -3.60 -5.90
CA THR A 303 -23.53 -4.77 -6.63
C THR A 303 -23.08 -4.82 -8.08
N ILE A 304 -22.70 -3.69 -8.67
CA ILE A 304 -22.17 -3.67 -10.03
C ILE A 304 -20.67 -3.91 -10.04
N ASN A 305 -19.96 -3.31 -9.09
CA ASN A 305 -18.50 -3.39 -9.01
C ASN A 305 -18.03 -4.34 -7.90
N LYS A 306 -18.37 -4.01 -6.65
CA LYS A 306 -17.87 -4.76 -5.50
C LYS A 306 -18.44 -6.17 -5.41
N LYS A 307 -19.45 -6.51 -6.22
CA LYS A 307 -19.93 -7.89 -6.23
C LYS A 307 -19.09 -8.73 -7.19
N PRO A 308 -18.73 -8.23 -8.38
CA PRO A 308 -17.63 -8.87 -9.13
C PRO A 308 -16.31 -8.88 -8.38
N ASN A 309 -16.12 -7.99 -7.41
CA ASN A 309 -14.92 -7.99 -6.57
C ASN A 309 -14.79 -9.31 -5.80
CL CL B . 12.84 -24.32 -7.26
C1 A1B7R C . -7.74 -3.88 12.72
C10 A1B7R C . -9.06 -2.79 6.08
C11 A1B7R C . -8.91 -1.68 6.90
C12 A1B7R C . -9.94 -0.72 6.97
C13 A1B7R C . -11.25 -1.90 5.48
C14 A1B7R C . -10.26 -2.92 5.34
C15 A1B7R C . -10.53 -4.00 4.48
C16 A1B7R C . -11.70 -4.07 3.80
C17 A1B7R C . -12.67 -3.07 3.94
C18 A1B7R C . -12.46 -2.00 4.76
C2 A1B7R C . -7.68 -4.03 11.23
C3 A1B7R C . -8.81 -4.08 10.43
C4 A1B7R C . -8.69 -4.20 9.06
C5 A1B7R C . -6.45 -4.11 10.58
C6 A1B7R C . -7.43 -4.26 8.50
C7 A1B7R C . -7.26 -4.40 7.05
C8 A1B7R C . -7.41 -4.26 4.83
C9 A1B7R C . -7.97 -3.77 5.99
N1 A1B7R C . -6.31 -4.23 9.25
N2 A1B7R C . -6.32 -5.19 6.52
N3 A1B7R C . -6.44 -5.10 5.18
N4 A1B7R C . -11.07 -0.81 6.31
S SO4 D . 13.20 -9.56 9.17
O1 SO4 D . 11.80 -9.12 9.50
O2 SO4 D . 14.07 -9.40 10.38
O3 SO4 D . 13.18 -11.00 8.74
O4 SO4 D . 13.74 -8.72 8.06
S SO4 E . 1.37 -12.64 -11.72
O1 SO4 E . -0.11 -12.60 -11.42
O2 SO4 E . 1.99 -11.39 -11.12
O3 SO4 E . 1.97 -13.88 -11.14
O4 SO4 E . 1.60 -12.71 -13.20
#